data_9BDX
#
_entry.id   9BDX
#
_cell.length_a   113.953
_cell.length_b   132.182
_cell.length_c   66.577
_cell.angle_alpha   90.00
_cell.angle_beta   90.00
_cell.angle_gamma   90.00
#
_symmetry.space_group_name_H-M   'P 21 21 2'
#
loop_
_entity.id
_entity.type
_entity.pdbx_description
1 polymer 'Transcription factor p65'
2 polymer "DNA (5'-D(P*AP*CP*TP*GP*GP*GP*AP*AP*CP*TP*TP*CP*CP*AP*GP*TP*GP*AP*T)-3')"
3 polymer "DNA (5'-D(*AP*TP*CP*AP*CP*TP*GP*GP*AP*AP*GP*TP*TP*CP*CP*CP*AP*GP*T)-3')"
#
loop_
_entity_poly.entity_id
_entity_poly.type
_entity_poly.pdbx_seq_one_letter_code
_entity_poly.pdbx_strand_id
1 'polypeptide(L)'
;MPYVEIIEQPKQRGMRFRYKCEGRSAGSIPGERSTDTTKTHPTIKINGYTGPGTVRISLVTKDPPHRPHPHELVGKDCRD
GYYEADLCPDRSIHSFQNLGIQCVKKRDLEQAISQRIQTNNNPFHVPIEEQRGDYDLNAVRLCFQVTVRDPAGRPLLLTP
VLSHPIFDNRAPNTAELKICRVNRNSGSCLGGDEIFLLCDKVQKEDIEVYFTGPGWEARGSFSQADVHRQVAIVFRTPPY
ADPSLQAPVRVSMQLRRPSDRELSEPMEFQYLPDTDDRHRIEEKRKR
;
A,B
2 'polydeoxyribonucleotide' (DA)(DC)(DT)(DG)(DG)(DG)(DA)(DA)(DC)(DT)(DT)(DC)(DC)(DA)(DG)(DT)(DG)(DA)(DT) C
3 'polydeoxyribonucleotide' (DA)(DT)(DC)(DA)(DC)(DT)(DG)(DG)(DA)(DA)(DG)(DT)(DT)(DC)(DC)(DC)(DA)(DG)(DT) D
#
# COMPACT_ATOMS: atom_id res chain seq x y z
N PRO A 2 48.81 12.29 0.60
CA PRO A 2 48.07 11.15 1.17
C PRO A 2 46.64 11.11 0.62
N TYR A 3 46.22 9.91 0.32
CA TYR A 3 44.96 9.70 -0.35
C TYR A 3 44.20 8.63 0.43
N VAL A 4 42.90 8.65 0.16
CA VAL A 4 41.93 7.96 0.99
C VAL A 4 41.18 7.01 0.07
N GLU A 5 41.16 5.76 0.52
CA GLU A 5 40.68 4.62 -0.23
C GLU A 5 39.71 3.81 0.63
N ILE A 6 38.79 3.12 -0.04
CA ILE A 6 37.73 2.38 0.61
C ILE A 6 37.98 0.91 0.37
N ILE A 7 37.77 0.13 1.45
CA ILE A 7 37.98 -1.31 1.40
C ILE A 7 36.65 -2.08 1.60
N GLU A 8 35.80 -1.66 2.55
CA GLU A 8 34.42 -2.11 2.50
C GLU A 8 33.44 -0.96 2.22
N GLN A 9 32.42 -1.24 1.36
CA GLN A 9 31.38 -0.30 0.97
C GLN A 9 30.18 -0.30 1.92
N PRO A 10 29.23 0.64 1.72
CA PRO A 10 27.88 0.44 2.29
C PRO A 10 27.05 -0.49 1.37
N LYS A 11 26.08 -1.13 2.01
CA LYS A 11 25.22 -2.06 1.29
C LYS A 11 24.20 -1.27 0.48
N GLN A 12 24.29 -1.53 -0.84
CA GLN A 12 23.58 -0.80 -1.86
C GLN A 12 22.07 -0.86 -1.60
N ARG A 13 21.51 -1.95 -1.07
CA ARG A 13 20.05 -2.05 -0.96
C ARG A 13 19.78 -2.76 0.36
N GLY A 14 18.65 -3.49 0.39
CA GLY A 14 18.24 -4.17 1.60
C GLY A 14 18.55 -3.33 2.85
N MET A 15 18.22 -2.03 2.75
CA MET A 15 18.06 -1.17 3.92
C MET A 15 16.93 -0.18 3.69
N ARG A 16 16.29 0.16 4.81
CA ARG A 16 15.09 0.99 4.79
C ARG A 16 15.33 2.28 5.58
N PHE A 17 14.68 3.35 5.07
CA PHE A 17 14.85 4.73 5.51
C PHE A 17 13.71 5.13 6.45
N ARG A 18 14.08 5.74 7.58
CA ARG A 18 13.21 5.75 8.75
C ARG A 18 12.97 7.21 9.11
N TYR A 19 11.69 7.62 9.14
CA TYR A 19 11.30 9.00 9.40
C TYR A 19 11.59 9.36 10.85
N LYS A 20 11.35 10.64 11.16
CA LYS A 20 11.71 11.20 12.47
C LYS A 20 10.59 10.77 13.44
N CYS A 21 9.41 10.42 12.89
CA CYS A 21 8.31 9.87 13.68
C CYS A 21 8.54 8.41 14.06
N GLU A 22 9.54 7.74 13.44
CA GLU A 22 9.93 6.36 13.78
C GLU A 22 11.13 6.40 14.71
N GLY A 23 12.23 7.00 14.22
CA GLY A 23 13.43 7.27 15.01
C GLY A 23 13.72 6.23 16.10
N ARG A 24 14.08 5.01 15.65
CA ARG A 24 14.59 3.93 16.51
C ARG A 24 16.12 3.79 16.36
N SER A 25 16.76 4.90 15.93
CA SER A 25 17.93 4.90 15.07
C SER A 25 17.47 4.55 13.65
N ALA A 26 18.22 3.68 12.98
CA ALA A 26 17.70 2.89 11.87
C ALA A 26 18.38 1.50 11.86
N GLY A 27 18.49 0.89 13.05
CA GLY A 27 19.57 -0.05 13.31
C GLY A 27 20.93 0.56 12.95
N SER A 28 21.56 0.01 11.92
CA SER A 28 22.88 0.44 11.49
C SER A 28 22.97 0.12 10.03
N ILE A 29 24.06 0.57 9.47
CA ILE A 29 24.25 0.32 8.05
C ILE A 29 25.31 -0.78 7.94
N PRO A 30 25.00 -1.84 7.14
CA PRO A 30 26.04 -2.84 6.82
C PRO A 30 27.12 -2.43 5.79
N GLY A 31 28.16 -3.25 5.72
CA GLY A 31 29.05 -3.27 4.57
C GLY A 31 28.39 -4.06 3.45
N GLU A 32 29.08 -4.31 2.33
CA GLU A 32 28.45 -4.90 1.16
C GLU A 32 28.44 -6.44 1.27
N ARG A 33 29.50 -7.00 1.97
CA ARG A 33 29.73 -8.42 2.20
C ARG A 33 29.50 -8.75 3.68
N SER A 34 28.55 -8.04 4.28
CA SER A 34 28.10 -8.33 5.64
C SER A 34 27.08 -9.50 5.65
N THR A 35 27.58 -10.67 6.08
CA THR A 35 26.73 -11.85 6.26
C THR A 35 25.97 -11.67 7.58
N ASP A 36 24.95 -12.52 7.76
CA ASP A 36 24.13 -12.50 8.96
C ASP A 36 24.96 -13.01 10.15
N THR A 37 25.96 -13.85 9.85
CA THR A 37 26.83 -14.42 10.87
C THR A 37 28.16 -13.64 11.04
N THR A 38 28.66 -13.12 9.90
CA THR A 38 29.96 -12.44 9.84
C THR A 38 29.66 -10.96 9.54
N LYS A 39 28.69 -10.41 10.32
CA LYS A 39 28.23 -9.03 10.19
C LYS A 39 29.43 -8.09 10.11
N THR A 40 29.47 -7.22 9.09
CA THR A 40 30.50 -6.20 8.97
C THR A 40 29.85 -4.83 9.09
N HIS A 41 30.70 -3.84 8.81
CA HIS A 41 30.24 -2.47 8.68
C HIS A 41 31.06 -1.85 7.55
N PRO A 42 30.89 -0.53 7.27
CA PRO A 42 31.53 0.12 6.10
C PRO A 42 32.82 0.85 6.51
N THR A 43 33.91 0.53 5.82
CA THR A 43 35.25 0.69 6.38
C THR A 43 36.17 1.36 5.34
N ILE A 44 37.02 2.28 5.83
CA ILE A 44 37.95 3.02 4.97
C ILE A 44 39.37 3.02 5.55
N LYS A 45 40.34 2.96 4.60
CA LYS A 45 41.77 2.89 4.89
C LYS A 45 42.53 3.99 4.15
N ILE A 46 43.49 4.60 4.88
CA ILE A 46 44.18 5.80 4.44
C ILE A 46 45.68 5.60 4.43
N ASN A 47 46.30 5.88 3.28
CA ASN A 47 47.62 5.36 3.01
C ASN A 47 48.57 6.52 2.77
N GLY A 48 49.55 6.69 3.68
CA GLY A 48 50.48 7.80 3.67
C GLY A 48 50.30 8.72 4.89
N TYR A 49 50.45 8.20 6.10
CA TYR A 49 50.15 8.92 7.34
C TYR A 49 49.16 8.07 8.17
N THR A 50 49.46 8.04 9.48
CA THR A 50 48.84 7.16 10.44
C THR A 50 48.91 7.92 11.76
N GLY A 51 47.91 8.74 12.07
CA GLY A 51 48.02 9.60 13.25
C GLY A 51 46.85 10.56 13.46
N PRO A 52 46.84 11.43 14.52
CA PRO A 52 45.60 12.04 15.05
C PRO A 52 44.68 12.64 13.97
N GLY A 53 43.37 12.48 14.19
CA GLY A 53 42.49 12.79 13.10
C GLY A 53 41.06 13.10 13.53
N THR A 54 40.41 13.86 12.64
CA THR A 54 38.97 14.08 12.70
C THR A 54 38.37 13.84 11.32
N VAL A 55 37.26 13.09 11.34
CA VAL A 55 36.60 12.65 10.13
C VAL A 55 35.08 12.94 10.14
N ARG A 56 34.63 13.32 8.93
CA ARG A 56 33.29 13.84 8.72
C ARG A 56 32.70 13.07 7.54
N ILE A 57 31.42 12.70 7.74
CA ILE A 57 30.62 12.14 6.65
C ILE A 57 29.33 12.94 6.45
N SER A 58 29.09 13.21 5.14
CA SER A 58 27.87 13.86 4.74
C SER A 58 27.22 13.10 3.56
N LEU A 59 26.10 13.72 3.13
CA LEU A 59 25.11 13.17 2.23
C LEU A 59 25.07 13.98 0.95
N VAL A 60 25.38 13.33 -0.17
CA VAL A 60 25.38 14.03 -1.43
C VAL A 60 24.60 13.26 -2.48
N THR A 61 23.87 13.99 -3.30
CA THR A 61 23.01 13.34 -4.29
C THR A 61 23.76 12.30 -5.14
N LYS A 62 22.99 11.25 -5.53
CA LYS A 62 23.51 10.35 -6.53
C LYS A 62 24.01 11.15 -7.75
N ASP A 63 23.06 11.94 -8.29
CA ASP A 63 23.23 12.88 -9.39
C ASP A 63 24.56 13.67 -9.31
N PRO A 64 25.62 13.52 -10.18
CA PRO A 64 26.64 14.59 -10.34
C PRO A 64 26.11 15.78 -11.18
N PRO A 65 26.17 17.03 -10.67
CA PRO A 65 27.14 17.44 -9.63
C PRO A 65 26.71 16.99 -8.24
N HIS A 66 27.72 16.65 -7.42
CA HIS A 66 27.42 16.02 -6.13
C HIS A 66 27.06 17.11 -5.13
N ARG A 67 25.75 17.19 -4.87
CA ARG A 67 25.15 18.33 -4.17
C ARG A 67 25.08 17.95 -2.70
N PRO A 68 24.55 18.79 -1.80
CA PRO A 68 24.07 18.33 -0.50
C PRO A 68 22.67 17.74 -0.69
N HIS A 69 22.36 16.84 0.22
CA HIS A 69 21.18 16.00 0.10
C HIS A 69 20.27 16.21 1.30
N PRO A 70 18.96 16.45 1.02
CA PRO A 70 18.03 16.92 2.07
C PRO A 70 17.74 15.81 3.06
N HIS A 71 18.79 15.09 3.46
CA HIS A 71 18.66 13.98 4.38
C HIS A 71 19.73 14.10 5.47
N GLU A 72 19.57 13.24 6.49
CA GLU A 72 20.36 13.29 7.71
C GLU A 72 21.02 11.93 7.99
N LEU A 73 22.01 12.01 8.90
CA LEU A 73 22.66 10.84 9.51
C LEU A 73 22.52 10.91 11.02
N VAL A 74 22.06 9.82 11.58
CA VAL A 74 21.55 9.87 12.95
C VAL A 74 22.24 8.74 13.75
N GLY A 75 22.60 9.08 15.01
CA GLY A 75 23.38 8.12 15.78
C GLY A 75 24.47 8.80 16.57
N LYS A 76 25.54 8.02 16.77
CA LYS A 76 26.64 8.46 17.60
C LYS A 76 27.52 9.45 16.84
N ASP A 77 27.72 10.58 17.52
CA ASP A 77 28.50 11.67 16.99
C ASP A 77 27.81 12.26 15.71
N CYS A 78 26.48 12.50 15.75
CA CYS A 78 25.74 12.99 14.59
C CYS A 78 24.73 14.06 14.94
N ARG A 79 24.58 15.02 14.03
CA ARG A 79 23.83 16.24 14.37
C ARG A 79 23.71 17.15 13.13
N ASP A 80 22.44 17.46 12.77
CA ASP A 80 22.11 18.28 11.61
C ASP A 80 22.49 17.58 10.32
N GLY A 81 22.43 16.24 10.34
CA GLY A 81 22.70 15.45 9.16
C GLY A 81 24.19 15.37 8.83
N TYR A 82 24.97 15.05 9.87
CA TYR A 82 26.39 14.75 9.68
C TYR A 82 26.88 13.96 10.89
N TYR A 83 27.97 13.23 10.61
CA TYR A 83 28.76 12.51 11.58
C TYR A 83 30.20 13.07 11.61
N GLU A 84 30.63 13.52 12.81
CA GLU A 84 32.02 13.90 13.01
C GLU A 84 32.52 13.21 14.29
N ALA A 85 33.64 12.47 14.14
CA ALA A 85 34.31 11.90 15.31
C ALA A 85 35.82 12.07 15.25
N ASP A 86 36.48 11.27 16.06
CA ASP A 86 37.89 11.40 16.34
C ASP A 86 38.48 10.03 16.13
N LEU A 87 39.57 10.03 15.36
CA LEU A 87 40.19 8.78 14.92
C LEU A 87 41.05 8.13 16.02
N CYS A 88 41.17 6.78 15.95
CA CYS A 88 42.28 6.07 16.53
C CYS A 88 43.52 6.46 15.72
N PRO A 89 44.53 7.18 16.30
CA PRO A 89 45.75 7.51 15.52
C PRO A 89 46.65 6.30 15.21
N ASP A 90 46.38 5.16 15.93
CA ASP A 90 47.14 3.90 15.92
C ASP A 90 47.09 3.22 14.56
N ARG A 91 45.86 3.04 14.01
CA ARG A 91 45.65 2.32 12.75
C ARG A 91 45.28 3.28 11.61
N SER A 92 45.34 2.78 10.35
CA SER A 92 44.79 3.45 9.18
C SER A 92 43.58 2.65 8.69
N ILE A 93 42.83 2.08 9.63
CA ILE A 93 41.73 1.18 9.31
C ILE A 93 40.57 1.58 10.24
N HIS A 94 39.46 2.08 9.68
CA HIS A 94 38.42 2.75 10.48
C HIS A 94 37.00 2.38 9.98
N SER A 95 36.09 2.03 10.90
CA SER A 95 34.73 1.58 10.53
C SER A 95 33.73 2.15 11.51
N PHE A 96 32.53 2.40 10.91
CA PHE A 96 31.53 3.27 11.52
C PHE A 96 30.20 2.55 11.54
N GLN A 97 29.59 2.57 12.72
CA GLN A 97 28.92 1.34 13.15
C GLN A 97 27.47 1.55 13.51
N ASN A 98 27.22 2.59 14.33
CA ASN A 98 25.86 2.98 14.58
C ASN A 98 25.53 4.17 13.63
N LEU A 99 24.90 3.87 12.48
CA LEU A 99 24.75 4.82 11.38
C LEU A 99 23.36 4.71 10.82
N GLY A 100 22.76 5.86 10.57
CA GLY A 100 21.37 5.84 10.18
C GLY A 100 21.04 6.75 8.99
N ILE A 101 20.00 6.39 8.22
CA ILE A 101 19.39 7.29 7.26
C ILE A 101 17.94 7.48 7.62
N GLN A 102 17.64 8.77 7.71
CA GLN A 102 16.33 9.23 8.13
C GLN A 102 15.82 10.22 7.07
N CYS A 103 14.54 10.03 6.64
CA CYS A 103 14.01 10.73 5.48
C CYS A 103 12.85 11.70 5.79
N VAL A 104 12.79 12.73 4.89
CA VAL A 104 12.14 14.02 5.18
C VAL A 104 10.98 14.29 4.21
N LYS A 105 9.92 15.02 4.64
CA LYS A 105 8.57 14.98 4.06
C LYS A 105 8.30 16.13 3.08
N LYS A 106 7.87 15.83 1.84
CA LYS A 106 8.20 16.62 0.63
C LYS A 106 8.17 18.15 0.81
N ARG A 107 7.34 18.62 1.78
CA ARG A 107 7.21 20.02 2.18
C ARG A 107 8.49 20.49 2.89
N ASP A 108 8.88 19.66 3.87
CA ASP A 108 10.04 19.90 4.69
C ASP A 108 11.30 19.62 3.86
N LEU A 109 11.22 19.62 2.50
CA LEU A 109 12.43 19.64 1.68
C LEU A 109 13.19 20.96 1.90
N GLU A 110 12.38 22.03 1.78
CA GLU A 110 12.91 23.36 1.62
C GLU A 110 13.68 23.67 2.90
N GLN A 111 13.00 23.37 4.02
CA GLN A 111 13.56 23.52 5.36
C GLN A 111 14.94 22.85 5.50
N ALA A 112 14.99 21.59 5.08
CA ALA A 112 16.21 20.79 5.12
C ALA A 112 17.33 21.42 4.28
N ILE A 113 16.95 21.87 3.06
CA ILE A 113 17.91 22.48 2.16
C ILE A 113 18.46 23.78 2.79
N SER A 114 17.56 24.55 3.43
CA SER A 114 17.94 25.78 4.09
C SER A 114 18.98 25.49 5.19
N GLN A 115 18.68 24.45 6.00
CA GLN A 115 19.55 24.01 7.08
C GLN A 115 20.93 23.62 6.53
N ARG A 116 20.95 22.90 5.41
CA ARG A 116 22.19 22.49 4.78
C ARG A 116 22.99 23.72 4.37
N ILE A 117 22.28 24.70 3.77
CA ILE A 117 22.88 25.96 3.31
C ILE A 117 23.54 26.62 4.51
N GLN A 118 22.79 26.67 5.63
CA GLN A 118 23.27 27.25 6.89
C GLN A 118 24.58 26.63 7.45
N THR A 119 24.51 25.31 7.58
CA THR A 119 25.57 24.62 8.28
C THR A 119 26.74 24.40 7.32
N ASN A 120 26.70 24.91 6.08
CA ASN A 120 27.81 24.86 5.12
C ASN A 120 28.08 23.40 4.78
N ASN A 121 26.97 22.63 4.85
CA ASN A 121 26.93 21.27 4.32
C ASN A 121 26.87 21.40 2.79
N ASN A 122 28.04 21.28 2.13
CA ASN A 122 28.11 21.38 0.67
C ASN A 122 29.53 21.07 0.25
N PRO A 123 30.06 19.89 0.59
CA PRO A 123 31.51 19.66 0.52
C PRO A 123 32.06 19.66 -0.90
N PHE A 124 31.18 19.89 -1.90
CA PHE A 124 31.68 20.20 -3.22
C PHE A 124 31.38 21.61 -3.67
N HIS A 125 30.98 22.43 -2.70
CA HIS A 125 30.65 23.84 -2.90
C HIS A 125 30.07 24.06 -4.32
N VAL A 126 28.90 23.48 -4.54
CA VAL A 126 28.17 23.66 -5.77
C VAL A 126 27.21 24.85 -5.55
N PRO A 127 27.23 25.91 -6.41
CA PRO A 127 26.36 27.09 -6.20
C PRO A 127 24.87 26.76 -6.10
N ILE A 128 24.06 27.73 -5.62
CA ILE A 128 22.63 27.47 -5.42
C ILE A 128 21.86 27.45 -6.76
N GLU A 129 22.53 27.84 -7.86
CA GLU A 129 21.93 27.75 -9.19
C GLU A 129 21.84 26.28 -9.64
N GLU A 130 22.80 25.47 -9.15
CA GLU A 130 22.91 24.07 -9.55
C GLU A 130 22.55 23.22 -8.34
N GLN A 131 21.79 23.84 -7.42
CA GLN A 131 21.08 23.15 -6.37
C GLN A 131 19.57 23.08 -6.68
N ARG A 132 19.17 23.70 -7.80
CA ARG A 132 17.76 23.87 -8.11
C ARG A 132 17.22 22.61 -8.80
N GLY A 133 16.03 22.80 -9.36
CA GLY A 133 15.22 21.70 -9.88
C GLY A 133 14.78 20.73 -8.76
N ASP A 134 15.17 19.46 -8.95
CA ASP A 134 14.75 18.36 -8.10
C ASP A 134 15.97 17.53 -7.67
N TYR A 135 15.69 16.53 -6.83
CA TYR A 135 16.72 15.71 -6.20
C TYR A 135 16.45 14.23 -6.45
N ASP A 136 17.16 13.39 -5.72
CA ASP A 136 16.90 11.96 -5.76
C ASP A 136 16.64 11.41 -4.34
N LEU A 137 15.54 10.65 -4.15
CA LEU A 137 14.88 10.57 -2.84
C LEU A 137 14.95 9.15 -2.29
N ASN A 138 14.92 8.17 -3.22
CA ASN A 138 15.25 6.80 -2.88
C ASN A 138 16.71 6.75 -2.49
N ALA A 139 17.57 7.54 -3.17
CA ALA A 139 18.94 7.13 -3.33
C ALA A 139 19.88 8.23 -2.89
N VAL A 140 20.86 7.90 -1.99
CA VAL A 140 21.88 8.81 -1.47
C VAL A 140 23.29 8.20 -1.58
N ARG A 141 24.28 9.10 -1.53
CA ARG A 141 25.67 8.71 -1.57
C ARG A 141 26.41 9.20 -0.30
N LEU A 142 27.52 8.48 -0.06
CA LEU A 142 28.39 8.71 1.10
C LEU A 142 29.71 9.37 0.70
N CYS A 143 30.00 10.47 1.43
CA CYS A 143 31.14 11.34 1.24
C CYS A 143 31.91 11.49 2.54
N PHE A 144 33.22 11.31 2.36
CA PHE A 144 34.15 11.23 3.47
C PHE A 144 35.13 12.39 3.39
N GLN A 145 35.26 13.18 4.47
CA GLN A 145 36.22 14.27 4.55
C GLN A 145 37.13 14.09 5.74
N VAL A 146 38.44 14.03 5.48
CA VAL A 146 39.32 13.67 6.60
C VAL A 146 40.45 14.71 6.75
N THR A 147 40.76 15.01 8.03
CA THR A 147 41.77 16.00 8.39
C THR A 147 42.83 15.34 9.28
N VAL A 148 44.09 15.74 9.00
CA VAL A 148 45.34 15.14 9.50
C VAL A 148 46.34 16.22 10.00
N ARG A 149 47.63 15.96 9.86
CA ARG A 149 48.70 16.87 10.17
C ARG A 149 49.70 16.75 9.04
N ASP A 150 50.16 17.88 8.51
CA ASP A 150 51.17 17.84 7.45
C ASP A 150 52.53 17.52 8.10
N PRO A 151 53.63 17.25 7.32
CA PRO A 151 54.97 17.05 7.91
C PRO A 151 55.41 17.93 9.10
N ALA A 152 54.80 19.11 9.30
CA ALA A 152 55.13 19.98 10.42
C ALA A 152 54.41 19.54 11.70
N GLY A 153 53.06 19.54 11.65
CA GLY A 153 52.21 19.54 12.84
C GLY A 153 51.09 20.58 12.71
N ARG A 154 51.26 21.52 11.79
CA ARG A 154 50.14 22.27 11.20
C ARG A 154 49.03 21.29 10.80
N PRO A 155 47.75 21.75 10.71
CA PRO A 155 46.66 20.88 10.25
C PRO A 155 46.34 20.85 8.76
N LEU A 156 46.16 19.65 8.19
CA LEU A 156 45.93 19.42 6.76
C LEU A 156 44.69 18.56 6.44
N LEU A 157 44.03 18.83 5.29
CA LEU A 157 42.77 18.20 4.91
C LEU A 157 42.97 17.49 3.57
N LEU A 158 42.29 16.34 3.42
CA LEU A 158 42.53 15.43 2.30
C LEU A 158 41.33 15.33 1.35
N THR A 159 41.67 15.01 0.07
CA THR A 159 40.75 15.04 -1.05
C THR A 159 39.75 13.90 -0.89
N PRO A 160 38.45 14.26 -0.86
CA PRO A 160 37.43 13.45 -0.20
C PRO A 160 36.49 12.70 -1.15
N VAL A 161 36.15 11.45 -0.78
CA VAL A 161 35.85 10.43 -1.78
C VAL A 161 34.40 9.88 -1.64
N LEU A 162 33.95 9.30 -2.77
CA LEU A 162 32.56 8.93 -2.98
C LEU A 162 32.41 7.42 -3.16
N SER A 163 31.31 6.87 -2.62
CA SER A 163 31.14 5.42 -2.48
C SER A 163 29.88 4.93 -3.18
N HIS A 164 30.02 3.83 -3.99
CA HIS A 164 28.88 3.01 -4.32
C HIS A 164 27.61 3.44 -3.54
N PRO A 165 26.47 3.75 -4.29
CA PRO A 165 25.30 4.45 -3.73
C PRO A 165 24.24 3.56 -3.05
N ILE A 166 23.35 4.21 -2.31
CA ILE A 166 22.57 3.56 -1.25
C ILE A 166 21.06 3.72 -1.46
N PHE A 167 20.29 2.61 -1.45
CA PHE A 167 18.93 2.59 -1.98
C PHE A 167 17.95 2.03 -0.95
N ASP A 168 16.70 2.43 -1.16
CA ASP A 168 15.68 2.31 -0.14
C ASP A 168 14.58 1.34 -0.60
N ASN A 169 14.20 0.35 0.24
CA ASN A 169 13.28 -0.71 -0.19
C ASN A 169 11.85 -0.46 0.33
N ARG A 170 11.35 0.76 0.08
CA ARG A 170 9.96 1.00 -0.32
C ARG A 170 9.90 1.58 -1.73
N ALA A 171 11.09 1.98 -2.21
CA ALA A 171 11.30 2.58 -3.53
C ALA A 171 11.18 1.48 -4.58
N PRO A 172 10.05 1.47 -5.31
CA PRO A 172 9.67 0.30 -6.14
C PRO A 172 10.72 0.00 -7.24
N ASN A 173 11.28 1.07 -7.82
CA ASN A 173 12.22 0.93 -8.93
C ASN A 173 13.64 0.67 -8.39
N THR A 174 13.84 0.54 -7.07
CA THR A 174 15.19 0.48 -6.51
C THR A 174 15.21 -0.08 -5.08
N ALA A 175 14.66 -1.28 -4.90
CA ALA A 175 14.75 -2.04 -3.66
C ALA A 175 15.60 -3.29 -3.96
N GLU A 176 15.45 -4.36 -3.15
CA GLU A 176 15.89 -5.68 -3.58
C GLU A 176 14.81 -6.29 -4.51
N LEU A 177 15.17 -7.38 -5.21
CA LEU A 177 14.22 -8.12 -6.06
C LEU A 177 14.03 -9.56 -5.57
N LYS A 178 13.08 -9.82 -4.64
CA LYS A 178 12.94 -11.18 -4.14
C LYS A 178 11.67 -11.86 -4.65
N ILE A 179 11.75 -13.19 -4.73
CA ILE A 179 10.61 -14.08 -4.93
C ILE A 179 10.24 -14.74 -3.59
N CYS A 180 9.05 -15.37 -3.52
CA CYS A 180 8.52 -15.82 -2.22
C CYS A 180 7.85 -17.18 -2.33
N ARG A 181 7.07 -17.43 -3.39
CA ARG A 181 6.41 -18.71 -3.56
C ARG A 181 6.23 -18.93 -5.06
N VAL A 182 6.15 -20.21 -5.44
CA VAL A 182 5.96 -20.58 -6.84
C VAL A 182 5.05 -21.81 -6.87
N ASN A 183 3.92 -21.71 -7.56
CA ASN A 183 2.94 -22.79 -7.57
C ASN A 183 3.47 -24.00 -8.34
N ARG A 184 4.37 -23.75 -9.31
CA ARG A 184 4.80 -24.76 -10.27
C ARG A 184 6.22 -24.41 -10.71
N ASN A 185 7.14 -25.41 -10.72
CA ASN A 185 8.48 -25.24 -11.29
C ASN A 185 8.93 -26.50 -12.05
N SER A 186 8.00 -27.08 -12.84
CA SER A 186 8.33 -27.89 -14.02
C SER A 186 7.17 -27.86 -15.03
N GLY A 187 7.49 -27.57 -16.32
CA GLY A 187 6.52 -27.18 -17.35
C GLY A 187 7.05 -27.38 -18.76
N SER A 188 6.23 -26.97 -19.75
CA SER A 188 6.44 -27.41 -21.12
C SER A 188 7.48 -26.51 -21.79
N CYS A 189 8.35 -27.15 -22.61
CA CYS A 189 9.37 -26.44 -23.36
C CYS A 189 8.78 -25.87 -24.66
N LEU A 190 7.74 -26.53 -25.21
CA LEU A 190 6.93 -25.99 -26.32
C LEU A 190 6.40 -24.59 -26.00
N GLY A 191 6.03 -24.36 -24.73
CA GLY A 191 5.34 -23.17 -24.28
C GLY A 191 3.88 -23.49 -23.95
N GLY A 192 3.09 -22.48 -23.61
CA GLY A 192 1.66 -22.66 -23.34
C GLY A 192 1.41 -23.46 -22.07
N ASP A 193 2.18 -23.10 -21.00
CA ASP A 193 1.97 -23.57 -19.64
C ASP A 193 2.13 -22.40 -18.66
N GLU A 194 1.31 -22.42 -17.59
CA GLU A 194 0.90 -21.24 -16.84
C GLU A 194 1.37 -21.37 -15.38
N ILE A 195 2.05 -20.30 -14.96
CA ILE A 195 2.76 -20.29 -13.69
C ILE A 195 2.49 -18.98 -12.94
N PHE A 196 2.38 -19.17 -11.62
CA PHE A 196 2.01 -18.13 -10.67
C PHE A 196 3.16 -17.91 -9.71
N LEU A 197 3.62 -16.65 -9.63
CA LEU A 197 4.80 -16.28 -8.87
C LEU A 197 4.51 -15.01 -8.07
N LEU A 198 4.86 -15.07 -6.77
CA LEU A 198 4.50 -14.05 -5.80
C LEU A 198 5.73 -13.39 -5.17
N CYS A 199 5.79 -12.05 -5.15
CA CYS A 199 7.04 -11.32 -4.93
C CYS A 199 6.77 -10.02 -4.15
N ASP A 200 7.86 -9.44 -3.61
CA ASP A 200 7.80 -8.08 -3.08
C ASP A 200 7.64 -7.08 -4.22
N LYS A 201 7.44 -5.82 -3.80
CA LYS A 201 6.80 -4.80 -4.65
C LYS A 201 7.56 -4.64 -5.99
N VAL A 202 6.79 -4.44 -7.09
CA VAL A 202 7.32 -4.21 -8.44
C VAL A 202 6.34 -3.37 -9.28
N GLN A 203 6.88 -2.45 -10.08
CA GLN A 203 6.09 -1.61 -10.98
C GLN A 203 5.59 -2.47 -12.14
N LYS A 204 4.45 -2.06 -12.72
CA LYS A 204 3.74 -2.91 -13.67
C LYS A 204 4.19 -2.59 -15.12
N GLU A 205 4.96 -1.50 -15.35
CA GLU A 205 5.49 -1.25 -16.69
C GLU A 205 7.00 -1.45 -16.73
N ASP A 206 7.54 -1.78 -15.56
CA ASP A 206 8.97 -1.90 -15.36
C ASP A 206 9.20 -3.26 -14.71
N ILE A 207 9.45 -4.28 -15.55
CA ILE A 207 9.60 -5.67 -15.08
C ILE A 207 9.59 -6.65 -16.26
N GLU A 208 10.49 -7.64 -16.19
CA GLU A 208 10.43 -8.83 -17.02
C GLU A 208 10.71 -10.10 -16.21
N VAL A 209 10.77 -11.21 -16.96
CA VAL A 209 10.99 -12.55 -16.45
C VAL A 209 12.05 -13.22 -17.32
N TYR A 210 13.08 -13.76 -16.67
CA TYR A 210 14.34 -14.08 -17.33
C TYR A 210 14.77 -15.52 -17.04
N PHE A 211 15.15 -16.25 -18.12
CA PHE A 211 15.58 -17.65 -18.09
C PHE A 211 16.92 -17.82 -18.80
N THR A 212 17.86 -18.46 -18.11
CA THR A 212 19.26 -18.49 -18.53
C THR A 212 19.81 -19.90 -18.35
N GLY A 213 20.50 -20.40 -19.40
CA GLY A 213 21.43 -21.53 -19.35
C GLY A 213 22.89 -21.11 -19.54
N PRO A 214 23.86 -22.04 -19.79
CA PRO A 214 25.18 -21.65 -20.32
C PRO A 214 25.08 -20.83 -21.62
N GLY A 215 24.86 -19.51 -21.45
CA GLY A 215 24.79 -18.54 -22.54
C GLY A 215 23.49 -18.64 -23.33
N TRP A 216 22.44 -17.91 -22.91
CA TRP A 216 21.11 -18.03 -23.48
C TRP A 216 20.11 -17.12 -22.74
N GLU A 217 19.20 -16.45 -23.49
CA GLU A 217 18.17 -15.57 -22.90
C GLU A 217 16.78 -16.02 -23.36
N ALA A 218 15.84 -16.14 -22.39
CA ALA A 218 14.45 -16.50 -22.67
C ALA A 218 13.49 -15.61 -21.85
N ARG A 219 12.42 -15.14 -22.53
CA ARG A 219 11.45 -14.23 -21.96
C ARG A 219 10.04 -14.77 -22.15
N GLY A 220 9.23 -14.68 -21.08
CA GLY A 220 7.85 -15.15 -21.05
C GLY A 220 6.86 -14.00 -20.97
N SER A 221 5.82 -14.01 -21.82
CA SER A 221 5.12 -12.81 -22.21
C SER A 221 3.72 -12.73 -21.59
N PHE A 222 3.49 -11.57 -20.97
CA PHE A 222 2.25 -11.18 -20.31
C PHE A 222 1.95 -9.73 -20.63
N SER A 223 0.67 -9.41 -20.88
CA SER A 223 0.23 -8.02 -20.87
C SER A 223 0.52 -7.37 -19.51
N GLN A 224 0.39 -6.05 -19.50
CA GLN A 224 0.68 -5.29 -18.31
C GLN A 224 -0.40 -5.50 -17.23
N ALA A 225 -1.66 -5.72 -17.64
CA ALA A 225 -2.74 -5.78 -16.66
C ALA A 225 -2.74 -7.18 -16.06
N ASP A 226 -1.58 -7.87 -16.14
CA ASP A 226 -1.40 -9.20 -15.57
C ASP A 226 -0.84 -9.07 -14.15
N VAL A 227 0.14 -8.16 -14.02
CA VAL A 227 0.82 -7.94 -12.75
C VAL A 227 -0.13 -7.34 -11.71
N HIS A 228 -0.67 -8.16 -10.78
CA HIS A 228 -1.79 -7.77 -9.93
C HIS A 228 -1.30 -7.11 -8.61
N ARG A 229 -1.42 -5.77 -8.51
CA ARG A 229 -1.14 -4.97 -7.31
C ARG A 229 0.34 -5.06 -6.96
N GLN A 230 1.18 -5.43 -7.97
CA GLN A 230 2.63 -5.31 -7.89
C GLN A 230 3.20 -6.30 -6.88
N VAL A 231 2.59 -7.48 -6.81
CA VAL A 231 3.14 -8.57 -6.01
C VAL A 231 2.91 -9.88 -6.75
N ALA A 232 2.11 -9.89 -7.86
CA ALA A 232 1.61 -11.12 -8.50
C ALA A 232 1.76 -11.02 -10.01
N ILE A 233 2.26 -12.12 -10.61
CA ILE A 233 2.46 -12.22 -12.05
C ILE A 233 1.79 -13.47 -12.63
N VAL A 234 1.03 -13.28 -13.72
CA VAL A 234 0.46 -14.39 -14.47
C VAL A 234 0.95 -14.26 -15.90
N PHE A 235 1.70 -15.28 -16.33
CA PHE A 235 2.46 -15.16 -17.56
C PHE A 235 2.79 -16.56 -18.07
N ARG A 236 3.03 -16.62 -19.37
CA ARG A 236 3.34 -17.90 -19.99
C ARG A 236 4.84 -18.16 -19.91
N THR A 237 5.19 -19.45 -19.72
CA THR A 237 6.56 -19.96 -19.71
C THR A 237 7.04 -20.19 -21.15
N PRO A 238 8.10 -19.48 -21.59
CA PRO A 238 8.38 -19.28 -23.02
C PRO A 238 8.65 -20.56 -23.81
N PRO A 239 8.47 -20.51 -25.16
CA PRO A 239 9.07 -21.51 -26.07
C PRO A 239 10.59 -21.56 -25.86
N TYR A 240 11.12 -22.77 -25.59
CA TYR A 240 12.51 -23.03 -25.23
C TYR A 240 13.37 -23.14 -26.50
N ALA A 241 14.70 -23.25 -26.37
CA ALA A 241 15.58 -23.39 -27.54
C ALA A 241 15.63 -24.85 -28.01
N ASP A 242 14.50 -25.38 -28.51
CA ASP A 242 14.33 -26.83 -28.63
C ASP A 242 12.98 -27.17 -29.30
N PRO A 243 12.93 -27.76 -30.53
CA PRO A 243 11.64 -28.15 -31.16
C PRO A 243 10.85 -29.26 -30.44
N SER A 244 11.57 -30.29 -29.95
CA SER A 244 11.03 -31.40 -29.15
C SER A 244 12.22 -32.14 -28.50
N LEU A 245 12.34 -31.98 -27.17
CA LEU A 245 13.42 -32.53 -26.36
C LEU A 245 13.56 -34.06 -26.54
N GLN A 246 14.54 -34.59 -25.80
CA GLN A 246 14.71 -36.02 -25.62
C GLN A 246 14.95 -36.30 -24.13
N ALA A 247 15.96 -35.64 -23.51
CA ALA A 247 16.20 -35.71 -22.07
C ALA A 247 15.51 -34.54 -21.35
N PRO A 248 15.78 -34.26 -20.03
CA PRO A 248 15.40 -33.00 -19.39
C PRO A 248 16.58 -32.12 -18.96
N VAL A 249 16.39 -30.80 -19.08
CA VAL A 249 17.47 -29.82 -19.15
C VAL A 249 17.19 -28.64 -18.19
N ARG A 250 18.27 -28.05 -17.66
CA ARG A 250 18.22 -27.22 -16.46
C ARG A 250 18.54 -25.75 -16.77
N VAL A 251 17.71 -24.82 -16.26
CA VAL A 251 17.96 -23.39 -16.43
C VAL A 251 17.88 -22.67 -15.08
N SER A 252 18.22 -21.38 -15.16
CA SER A 252 18.13 -20.44 -14.07
C SER A 252 17.14 -19.33 -14.40
N MET A 253 16.26 -19.09 -13.45
CA MET A 253 15.04 -18.34 -13.67
C MET A 253 14.92 -17.25 -12.58
N GLN A 254 14.72 -16.00 -13.02
CA GLN A 254 14.78 -14.85 -12.12
C GLN A 254 13.93 -13.70 -12.65
N LEU A 255 14.14 -12.55 -12.04
CA LEU A 255 13.33 -11.37 -12.32
C LEU A 255 14.28 -10.24 -12.66
N ARG A 256 14.01 -9.64 -13.82
CA ARG A 256 14.87 -8.60 -14.35
C ARG A 256 14.02 -7.37 -14.66
N ARG A 257 14.61 -6.21 -14.33
CA ARG A 257 13.96 -4.92 -14.50
C ARG A 257 14.76 -4.06 -15.49
N PRO A 258 14.13 -3.63 -16.62
CA PRO A 258 14.85 -3.06 -17.78
C PRO A 258 15.48 -1.66 -17.63
N SER A 259 14.77 -0.75 -16.93
CA SER A 259 15.34 0.54 -16.60
C SER A 259 16.83 0.42 -16.24
N ASP A 260 17.16 -0.46 -15.25
CA ASP A 260 18.48 -0.54 -14.58
C ASP A 260 19.16 -1.92 -14.71
N ARG A 261 18.50 -2.85 -15.43
CA ARG A 261 18.93 -4.25 -15.56
C ARG A 261 19.54 -4.71 -14.25
N GLU A 262 18.61 -5.22 -13.42
CA GLU A 262 18.89 -5.76 -12.09
C GLU A 262 18.48 -7.24 -12.14
N LEU A 263 18.95 -8.03 -11.15
CA LEU A 263 18.66 -9.45 -11.09
C LEU A 263 18.22 -9.83 -9.66
N SER A 264 17.50 -10.98 -9.56
CA SER A 264 17.02 -11.53 -8.30
C SER A 264 17.70 -12.86 -8.00
N GLU A 265 17.34 -13.42 -6.83
CA GLU A 265 17.69 -14.78 -6.50
C GLU A 265 17.53 -15.62 -7.77
N PRO A 266 18.43 -16.62 -8.01
CA PRO A 266 18.23 -17.62 -9.07
C PRO A 266 17.71 -19.00 -8.62
N MET A 267 16.65 -19.50 -9.29
CA MET A 267 15.91 -20.68 -8.87
C MET A 267 15.74 -21.64 -10.06
N GLU A 268 15.67 -22.96 -9.76
CA GLU A 268 15.83 -24.02 -10.77
C GLU A 268 14.47 -24.45 -11.33
N PHE A 269 14.46 -24.51 -12.66
CA PHE A 269 13.29 -24.95 -13.39
C PHE A 269 13.68 -26.00 -14.44
N GLN A 270 12.82 -27.03 -14.56
CA GLN A 270 13.07 -28.18 -15.43
C GLN A 270 11.94 -28.36 -16.46
N TYR A 271 12.35 -28.76 -17.68
CA TYR A 271 11.51 -29.02 -18.85
C TYR A 271 11.61 -30.51 -19.23
N LEU A 272 10.45 -31.14 -19.46
CA LEU A 272 10.38 -32.60 -19.53
C LEU A 272 9.72 -33.02 -20.84
N PRO A 273 10.26 -34.04 -21.54
CA PRO A 273 10.13 -34.19 -23.01
C PRO A 273 8.75 -34.59 -23.54
N ASP A 274 8.01 -33.58 -24.05
CA ASP A 274 6.61 -33.67 -24.46
C ASP A 274 6.42 -34.82 -25.45
N THR A 275 6.02 -35.99 -24.96
CA THR A 275 5.69 -37.08 -25.87
C THR A 275 4.15 -37.07 -26.02
N ASP A 276 3.46 -36.06 -25.44
CA ASP A 276 2.06 -35.80 -25.76
C ASP A 276 1.71 -34.35 -25.41
N ASP A 277 0.65 -33.84 -26.07
CA ASP A 277 0.15 -32.48 -25.83
C ASP A 277 -1.37 -32.52 -25.90
N MET B 1 -48.94 10.59 12.43
CA MET B 1 -47.96 11.64 11.99
C MET B 1 -47.86 11.66 10.45
N PRO B 2 -47.91 12.82 9.76
CA PRO B 2 -47.20 12.97 8.48
C PRO B 2 -45.68 12.78 8.71
N TYR B 3 -45.09 11.84 7.95
CA TYR B 3 -43.84 11.22 8.37
C TYR B 3 -42.85 11.11 7.20
N VAL B 4 -41.72 10.43 7.49
CA VAL B 4 -40.54 10.38 6.63
C VAL B 4 -40.17 8.93 6.39
N GLU B 5 -39.95 8.64 5.11
CA GLU B 5 -39.75 7.28 4.69
C GLU B 5 -38.58 7.21 3.72
N ILE B 6 -37.83 6.11 3.86
CA ILE B 6 -36.63 5.87 3.08
C ILE B 6 -36.87 4.64 2.25
N ILE B 7 -36.56 4.87 0.98
CA ILE B 7 -36.92 3.92 -0.03
C ILE B 7 -35.64 3.49 -0.76
N GLU B 8 -34.99 4.42 -1.48
CA GLU B 8 -33.69 4.08 -2.03
C GLU B 8 -32.69 4.30 -0.89
N GLN B 9 -32.23 3.20 -0.27
CA GLN B 9 -31.10 3.21 0.65
C GLN B 9 -29.79 3.26 -0.15
N PRO B 10 -28.67 3.61 0.51
CA PRO B 10 -27.41 3.83 -0.21
C PRO B 10 -26.54 2.59 -0.38
N LYS B 11 -25.68 2.63 -1.42
CA LYS B 11 -24.84 1.46 -1.66
C LYS B 11 -23.67 1.43 -0.66
N GLN B 12 -23.88 0.47 0.29
CA GLN B 12 -23.08 0.27 1.50
C GLN B 12 -21.63 0.11 1.08
N ARG B 13 -21.41 -0.76 0.09
CA ARG B 13 -20.05 -0.98 -0.42
C ARG B 13 -19.79 -0.06 -1.61
N GLY B 14 -18.83 -0.47 -2.47
CA GLY B 14 -18.65 0.06 -3.80
C GLY B 14 -18.34 1.56 -3.82
N MET B 15 -17.98 2.13 -2.67
CA MET B 15 -17.64 3.55 -2.62
C MET B 15 -16.40 3.78 -1.74
N ARG B 16 -15.56 4.78 -2.09
CA ARG B 16 -14.43 5.22 -1.26
C ARG B 16 -14.55 6.64 -0.77
N PHE B 17 -13.71 6.92 0.23
CA PHE B 17 -13.83 8.14 1.04
C PHE B 17 -12.60 9.02 0.85
N ARG B 18 -12.83 10.31 0.54
CA ARG B 18 -11.78 11.16 -0.04
C ARG B 18 -11.57 12.35 0.88
N TYR B 19 -10.31 12.75 1.04
CA TYR B 19 -9.92 13.85 1.91
C TYR B 19 -9.88 15.23 1.22
N LYS B 20 -9.44 16.21 2.03
CA LYS B 20 -9.52 17.59 1.63
C LYS B 20 -8.61 17.84 0.43
N CYS B 21 -7.78 16.85 0.11
CA CYS B 21 -6.74 17.02 -0.90
C CYS B 21 -7.11 16.22 -2.16
N GLU B 22 -8.38 15.82 -2.31
CA GLU B 22 -8.73 14.84 -3.34
C GLU B 22 -9.95 15.31 -4.14
N GLY B 23 -9.90 16.57 -4.58
CA GLY B 23 -11.09 17.18 -5.15
C GLY B 23 -12.19 17.40 -4.09
N ARG B 24 -12.69 18.66 -4.00
CA ARG B 24 -13.70 19.08 -3.01
C ARG B 24 -15.05 18.42 -3.29
N SER B 25 -15.28 17.87 -4.50
CA SER B 25 -16.31 16.86 -4.68
C SER B 25 -15.69 15.50 -4.97
N ALA B 26 -16.51 14.48 -4.67
CA ALA B 26 -16.13 13.08 -4.79
C ALA B 26 -17.28 12.34 -5.49
N GLY B 27 -17.64 12.86 -6.66
CA GLY B 27 -18.78 12.37 -7.40
C GLY B 27 -20.07 12.58 -6.62
N SER B 28 -20.75 11.43 -6.43
CA SER B 28 -21.96 11.36 -5.64
C SER B 28 -22.11 9.94 -5.07
N ILE B 29 -23.17 9.82 -4.28
CA ILE B 29 -23.49 8.58 -3.62
C ILE B 29 -24.53 7.81 -4.48
N PRO B 30 -24.31 6.49 -4.74
CA PRO B 30 -25.34 5.64 -5.38
C PRO B 30 -26.38 5.03 -4.42
N GLY B 31 -27.49 4.54 -5.00
CA GLY B 31 -28.48 3.79 -4.24
C GLY B 31 -28.28 2.26 -4.37
N GLU B 32 -28.78 1.51 -3.36
CA GLU B 32 -28.40 0.12 -3.10
C GLU B 32 -28.58 -0.70 -4.39
N ARG B 33 -29.62 -0.31 -5.17
CA ARG B 33 -29.93 -0.93 -6.44
C ARG B 33 -29.60 0.10 -7.52
N SER B 34 -28.34 0.52 -7.58
CA SER B 34 -27.79 1.21 -8.72
C SER B 34 -26.83 0.26 -9.44
N THR B 35 -26.81 0.32 -10.79
CA THR B 35 -25.91 -0.60 -11.48
C THR B 35 -25.61 -0.14 -12.90
N ASP B 36 -25.31 1.16 -13.05
CA ASP B 36 -24.71 1.63 -14.30
C ASP B 36 -25.77 1.81 -15.40
N THR B 37 -26.57 0.76 -15.64
CA THR B 37 -27.69 0.76 -16.58
C THR B 37 -28.85 1.58 -16.01
N THR B 38 -29.50 1.02 -14.96
CA THR B 38 -30.54 1.71 -14.18
C THR B 38 -29.84 2.28 -12.92
N LYS B 39 -29.09 3.39 -13.13
CA LYS B 39 -28.26 4.05 -12.14
C LYS B 39 -29.09 5.08 -11.33
N THR B 40 -29.33 4.79 -10.05
CA THR B 40 -30.27 5.54 -9.20
C THR B 40 -29.49 6.23 -8.08
N HIS B 41 -30.23 7.14 -7.40
CA HIS B 41 -29.68 7.93 -6.32
C HIS B 41 -30.60 7.95 -5.10
N PRO B 42 -30.01 8.07 -3.90
CA PRO B 42 -30.76 7.95 -2.64
C PRO B 42 -31.97 8.87 -2.56
N THR B 43 -33.09 8.33 -2.07
CA THR B 43 -34.35 9.03 -2.08
C THR B 43 -35.17 8.83 -0.80
N ILE B 44 -36.07 9.78 -0.57
CA ILE B 44 -37.04 9.66 0.49
C ILE B 44 -38.44 10.06 0.02
N LYS B 45 -39.41 9.64 0.86
CA LYS B 45 -40.84 9.82 0.61
C LYS B 45 -41.53 10.34 1.86
N ILE B 46 -42.48 11.22 1.58
CA ILE B 46 -43.23 11.91 2.62
C ILE B 46 -44.69 11.68 2.35
N ASN B 47 -45.30 11.22 3.44
CA ASN B 47 -46.68 10.82 3.47
C ASN B 47 -47.38 11.70 4.50
N GLY B 48 -48.29 12.54 3.97
CA GLY B 48 -48.94 13.58 4.73
C GLY B 48 -48.24 14.93 4.57
N TYR B 49 -47.81 15.28 3.36
CA TYR B 49 -47.55 16.67 3.00
C TYR B 49 -46.81 16.70 1.66
N THR B 50 -47.00 17.81 0.94
CA THR B 50 -46.36 18.03 -0.35
C THR B 50 -46.31 19.54 -0.61
N GLY B 51 -45.24 20.20 -0.16
CA GLY B 51 -45.21 21.65 -0.24
C GLY B 51 -43.91 22.20 0.28
N PRO B 52 -43.86 23.47 0.76
CA PRO B 52 -42.59 24.14 1.08
C PRO B 52 -41.94 23.82 2.44
N GLY B 53 -40.65 24.20 2.53
CA GLY B 53 -39.89 24.13 3.77
C GLY B 53 -38.43 23.72 3.54
N THR B 54 -37.89 22.95 4.51
CA THR B 54 -36.46 22.72 4.59
C THR B 54 -36.13 21.26 4.92
N VAL B 55 -35.01 20.90 4.31
CA VAL B 55 -34.45 19.57 4.40
C VAL B 55 -32.96 19.66 4.79
N ARG B 56 -32.58 18.82 5.77
CA ARG B 56 -31.20 18.76 6.25
C ARG B 56 -30.77 17.31 6.40
N ILE B 57 -29.47 17.08 6.13
CA ILE B 57 -28.81 15.79 6.25
C ILE B 57 -27.53 15.91 7.05
N SER B 58 -27.46 15.04 8.06
CA SER B 58 -26.27 14.95 8.88
C SER B 58 -25.80 13.51 9.00
N LEU B 59 -24.67 13.42 9.71
CA LEU B 59 -23.83 12.24 9.74
C LEU B 59 -23.68 11.79 11.18
N VAL B 60 -23.97 10.50 11.43
CA VAL B 60 -23.98 9.96 12.77
C VAL B 60 -23.28 8.60 12.85
N THR B 61 -22.69 8.31 14.03
CA THR B 61 -21.97 7.04 14.16
C THR B 61 -22.92 5.87 13.88
N LYS B 62 -22.33 4.81 13.32
CA LYS B 62 -23.05 3.57 13.10
C LYS B 62 -23.71 3.08 14.41
N ASP B 63 -22.87 2.82 15.42
CA ASP B 63 -23.33 2.12 16.59
C ASP B 63 -23.94 3.14 17.54
N PRO B 64 -25.05 2.78 18.20
CA PRO B 64 -25.78 3.72 19.03
C PRO B 64 -25.32 3.88 20.49
N PRO B 65 -25.77 4.97 21.20
CA PRO B 65 -26.59 6.01 20.57
C PRO B 65 -25.75 6.68 19.47
N HIS B 66 -26.43 7.39 18.56
CA HIS B 66 -25.88 7.92 17.31
C HIS B 66 -25.53 9.40 17.51
N ARG B 67 -24.22 9.59 17.63
CA ARG B 67 -23.72 10.94 17.87
C ARG B 67 -23.55 11.55 16.50
N PRO B 68 -23.39 12.88 16.36
CA PRO B 68 -22.76 13.45 15.17
C PRO B 68 -21.38 12.81 14.96
N HIS B 69 -20.86 13.10 13.75
CA HIS B 69 -19.70 12.42 13.22
C HIS B 69 -18.64 13.46 12.89
N PRO B 70 -17.35 13.10 13.11
CA PRO B 70 -16.21 13.92 12.63
C PRO B 70 -15.85 13.89 11.15
N HIS B 71 -16.85 13.75 10.29
CA HIS B 71 -16.63 13.69 8.86
C HIS B 71 -17.63 14.67 8.21
N GLU B 72 -17.27 15.04 6.97
CA GLU B 72 -17.91 16.17 6.27
C GLU B 72 -18.54 15.69 4.95
N LEU B 73 -19.55 16.50 4.54
CA LEU B 73 -20.43 16.24 3.40
C LEU B 73 -20.36 17.40 2.42
N VAL B 74 -20.03 17.11 1.17
CA VAL B 74 -19.45 18.12 0.30
C VAL B 74 -20.07 18.04 -1.10
N GLY B 75 -20.26 19.20 -1.75
CA GLY B 75 -20.92 19.26 -3.03
C GLY B 75 -21.97 20.37 -3.06
N LYS B 76 -23.13 20.02 -3.59
CA LYS B 76 -24.20 20.99 -3.72
C LYS B 76 -24.88 21.19 -2.38
N ASP B 77 -25.33 22.44 -2.14
CA ASP B 77 -26.03 22.84 -0.93
C ASP B 77 -25.45 22.12 0.30
N CYS B 78 -24.11 22.18 0.41
CA CYS B 78 -23.41 21.52 1.50
C CYS B 78 -22.47 22.52 2.16
N ARG B 79 -22.40 22.44 3.50
CA ARG B 79 -21.71 23.46 4.29
C ARG B 79 -21.69 23.05 5.77
N ASP B 80 -20.50 23.17 6.39
CA ASP B 80 -20.30 23.03 7.83
C ASP B 80 -20.47 21.57 8.30
N GLY B 81 -20.49 20.67 7.31
CA GLY B 81 -20.37 19.22 7.53
C GLY B 81 -21.69 18.48 7.33
N TYR B 82 -22.57 19.17 6.59
CA TYR B 82 -23.89 18.62 6.27
C TYR B 82 -24.34 19.09 4.88
N TYR B 83 -25.60 18.79 4.61
CA TYR B 83 -26.26 19.29 3.45
C TYR B 83 -27.51 20.02 3.93
N GLU B 84 -27.60 21.30 3.53
CA GLU B 84 -28.85 22.02 3.75
C GLU B 84 -29.32 22.67 2.44
N ALA B 85 -30.59 22.45 2.07
CA ALA B 85 -31.24 23.20 1.00
C ALA B 85 -32.64 23.65 1.41
N ASP B 86 -33.49 23.83 0.40
CA ASP B 86 -34.88 24.19 0.59
C ASP B 86 -35.69 23.10 -0.05
N LEU B 87 -36.63 22.55 0.69
CA LEU B 87 -37.47 21.49 0.16
C LEU B 87 -38.18 21.96 -1.13
N CYS B 88 -38.48 20.99 -2.03
CA CYS B 88 -39.16 21.27 -3.28
C CYS B 88 -40.68 21.16 -3.09
N PRO B 89 -41.49 22.24 -3.31
CA PRO B 89 -42.96 22.16 -3.18
C PRO B 89 -43.69 21.32 -4.25
N ASP B 90 -42.93 20.73 -5.22
CA ASP B 90 -43.49 20.00 -6.37
C ASP B 90 -44.13 18.69 -5.93
N ARG B 91 -43.34 17.81 -5.29
CA ARG B 91 -43.82 16.49 -4.88
C ARG B 91 -43.40 16.25 -3.43
N SER B 92 -43.64 15.02 -2.95
CA SER B 92 -43.07 14.56 -1.70
C SER B 92 -42.20 13.33 -1.97
N ILE B 93 -41.43 13.41 -3.07
CA ILE B 93 -40.47 12.37 -3.43
C ILE B 93 -39.15 13.06 -3.79
N HIS B 94 -38.06 12.63 -3.16
CA HIS B 94 -36.85 13.45 -3.09
C HIS B 94 -35.55 12.66 -3.34
N SER B 95 -34.69 13.23 -4.21
CA SER B 95 -33.44 12.61 -4.65
C SER B 95 -32.27 13.56 -4.49
N PHE B 96 -31.18 12.97 -3.99
CA PHE B 96 -29.95 13.69 -3.68
C PHE B 96 -28.78 13.06 -4.41
N GLN B 97 -28.12 13.86 -5.25
CA GLN B 97 -27.46 13.30 -6.43
C GLN B 97 -26.06 13.87 -6.60
N ASN B 98 -25.77 14.96 -5.87
CA ASN B 98 -24.44 15.53 -5.78
C ASN B 98 -24.04 15.46 -4.29
N LEU B 99 -23.40 14.34 -3.91
CA LEU B 99 -23.18 14.00 -2.51
C LEU B 99 -21.80 13.39 -2.30
N GLY B 100 -21.16 13.88 -1.24
CA GLY B 100 -19.76 13.58 -1.00
C GLY B 100 -19.46 13.20 0.47
N ILE B 101 -18.40 12.40 0.61
CA ILE B 101 -17.88 12.04 1.92
C ILE B 101 -16.40 12.42 1.96
N GLN B 102 -16.15 13.29 2.95
CA GLN B 102 -14.83 13.73 3.34
C GLN B 102 -14.52 13.29 4.77
N CYS B 103 -13.34 12.71 4.84
CA CYS B 103 -12.89 12.13 6.08
C CYS B 103 -11.75 13.01 6.57
N VAL B 104 -11.78 13.09 7.88
CA VAL B 104 -11.03 14.07 8.62
C VAL B 104 -10.00 13.28 9.42
N LYS B 105 -8.89 13.95 9.62
CA LYS B 105 -7.68 13.29 10.02
C LYS B 105 -7.56 13.28 11.55
N LYS B 106 -7.14 12.11 12.06
CA LYS B 106 -7.50 11.56 13.34
C LYS B 106 -7.07 12.50 14.47
N ARG B 107 -6.17 13.43 14.15
CA ARG B 107 -5.77 14.48 15.08
C ARG B 107 -6.81 15.60 15.00
N ASP B 108 -7.31 15.91 13.78
CA ASP B 108 -8.31 16.96 13.58
C ASP B 108 -9.66 16.55 14.16
N LEU B 109 -9.70 15.34 14.72
CA LEU B 109 -10.89 14.73 15.29
C LEU B 109 -11.53 15.72 16.25
N GLU B 110 -10.73 16.14 17.27
CA GLU B 110 -11.30 16.86 18.38
C GLU B 110 -11.85 18.20 17.86
N GLN B 111 -11.07 18.81 16.94
CA GLN B 111 -11.45 20.06 16.29
C GLN B 111 -12.84 19.91 15.64
N ALA B 112 -12.97 18.81 14.89
CA ALA B 112 -14.18 18.50 14.13
C ALA B 112 -15.37 18.39 15.09
N ILE B 113 -15.11 17.68 16.19
CA ILE B 113 -16.14 17.48 17.20
C ILE B 113 -16.62 18.83 17.75
N SER B 114 -15.64 19.72 18.05
CA SER B 114 -15.91 21.04 18.57
C SER B 114 -16.80 21.82 17.60
N GLN B 115 -16.44 21.76 16.30
CA GLN B 115 -17.17 22.46 15.25
C GLN B 115 -18.63 22.00 15.25
N ARG B 116 -18.84 20.66 15.34
CA ARG B 116 -20.17 20.04 15.33
C ARG B 116 -20.98 20.57 16.50
N ILE B 117 -20.34 20.63 17.66
CA ILE B 117 -20.96 21.12 18.89
C ILE B 117 -21.43 22.56 18.68
N GLN B 118 -20.52 23.39 18.12
CA GLN B 118 -20.76 24.81 17.82
C GLN B 118 -21.99 24.99 16.91
N THR B 119 -22.05 24.15 15.87
CA THR B 119 -23.14 24.20 14.91
C THR B 119 -24.49 23.88 15.62
N ASN B 120 -24.52 22.90 16.55
CA ASN B 120 -25.74 22.21 16.98
C ASN B 120 -26.03 21.04 16.05
N ASN B 121 -25.07 20.73 15.17
CA ASN B 121 -25.10 19.53 14.35
C ASN B 121 -25.18 18.32 15.29
N ASN B 122 -26.44 17.97 15.62
CA ASN B 122 -26.74 16.83 16.44
C ASN B 122 -28.26 16.63 16.36
N PRO B 123 -28.71 15.72 15.48
CA PRO B 123 -30.13 15.34 15.45
C PRO B 123 -30.72 14.94 16.82
N PHE B 124 -30.01 14.02 17.49
CA PHE B 124 -30.40 13.42 18.75
C PHE B 124 -29.69 14.10 19.92
N HIS B 125 -29.51 15.44 19.80
CA HIS B 125 -28.86 16.30 20.77
C HIS B 125 -28.41 15.53 22.03
N VAL B 126 -27.46 14.58 21.91
CA VAL B 126 -27.03 13.72 23.03
C VAL B 126 -26.16 14.54 24.01
N PRO B 127 -26.05 14.18 25.33
CA PRO B 127 -25.06 14.81 26.23
C PRO B 127 -23.62 14.79 25.71
N ILE B 128 -22.79 15.76 26.18
CA ILE B 128 -21.38 15.82 25.80
C ILE B 128 -20.54 14.99 26.79
N GLU B 129 -21.20 14.12 27.57
CA GLU B 129 -20.52 13.11 28.40
C GLU B 129 -20.23 11.83 27.60
N GLU B 130 -21.28 11.37 26.90
CA GLU B 130 -21.24 10.10 26.22
C GLU B 130 -20.60 10.30 24.84
N GLN B 131 -20.65 11.56 24.37
CA GLN B 131 -19.95 11.99 23.16
C GLN B 131 -18.44 11.89 23.34
N ARG B 132 -17.99 10.96 24.19
CA ARG B 132 -16.56 10.73 24.43
C ARG B 132 -16.14 9.37 23.85
N GLY B 133 -17.04 8.37 23.96
CA GLY B 133 -16.84 6.99 23.58
C GLY B 133 -15.64 6.74 22.65
N ASP B 134 -15.86 5.72 21.83
CA ASP B 134 -14.95 5.44 20.73
C ASP B 134 -15.68 5.46 19.39
N TYR B 135 -14.84 5.76 18.39
CA TYR B 135 -15.30 6.17 17.08
C TYR B 135 -14.95 5.16 16.00
N ASP B 136 -15.90 5.12 15.05
CA ASP B 136 -15.88 4.30 13.85
C ASP B 136 -15.68 5.20 12.64
N LEU B 137 -14.52 5.14 11.98
CA LEU B 137 -14.24 6.05 10.88
C LEU B 137 -14.09 5.23 9.61
N ASN B 138 -14.89 4.15 9.59
CA ASN B 138 -15.11 3.40 8.37
C ASN B 138 -16.55 3.58 7.94
N ALA B 139 -17.41 3.80 8.95
CA ALA B 139 -18.83 3.56 8.78
C ALA B 139 -19.61 4.76 9.27
N VAL B 140 -20.53 5.18 8.38
CA VAL B 140 -21.33 6.37 8.60
C VAL B 140 -22.79 6.09 8.32
N ARG B 141 -23.67 6.82 9.05
CA ARG B 141 -25.11 6.68 8.93
C ARG B 141 -25.75 8.04 8.64
N LEU B 142 -26.96 7.96 8.07
CA LEU B 142 -27.64 9.12 7.48
C LEU B 142 -28.94 9.41 8.22
N CYS B 143 -29.09 10.69 8.60
CA CYS B 143 -30.20 11.11 9.43
C CYS B 143 -30.82 12.40 8.89
N PHE B 144 -32.17 12.41 8.94
CA PHE B 144 -32.96 13.29 8.11
C PHE B 144 -33.82 14.20 8.98
N GLN B 145 -33.75 15.50 8.64
CA GLN B 145 -34.27 16.60 9.44
C GLN B 145 -35.13 17.51 8.54
N VAL B 146 -36.36 17.78 9.02
CA VAL B 146 -37.39 18.30 8.16
C VAL B 146 -38.27 19.29 8.92
N THR B 147 -38.55 20.40 8.23
CA THR B 147 -39.47 21.43 8.67
C THR B 147 -40.51 21.75 7.59
N VAL B 148 -41.79 21.79 7.98
CA VAL B 148 -42.96 21.90 7.10
C VAL B 148 -43.94 22.96 7.62
N ARG B 149 -45.26 22.68 7.63
CA ARG B 149 -46.25 23.65 8.03
C ARG B 149 -47.55 22.95 8.37
N ASP B 150 -48.16 23.36 9.51
CA ASP B 150 -49.54 23.04 9.89
C ASP B 150 -50.49 23.87 9.04
N PRO B 151 -51.82 23.58 9.01
CA PRO B 151 -52.74 24.41 8.19
C PRO B 151 -52.91 25.84 8.75
N ALA B 152 -51.82 26.46 9.24
CA ALA B 152 -51.79 27.84 9.72
C ALA B 152 -50.67 28.59 8.97
N GLY B 153 -49.42 28.11 9.14
CA GLY B 153 -48.24 28.60 8.45
C GLY B 153 -47.06 28.76 9.41
N ARG B 154 -47.16 28.13 10.62
CA ARG B 154 -46.01 27.89 11.49
C ARG B 154 -44.89 27.11 10.78
N PRO B 155 -43.81 26.72 11.50
CA PRO B 155 -42.99 25.57 11.14
C PRO B 155 -43.19 24.32 12.02
N LEU B 156 -43.17 23.11 11.43
CA LEU B 156 -43.38 21.82 12.11
C LEU B 156 -42.33 20.77 11.71
N LEU B 157 -41.81 20.03 12.69
CA LEU B 157 -40.54 19.31 12.59
C LEU B 157 -40.76 17.84 13.01
N LEU B 158 -40.16 16.89 12.26
CA LEU B 158 -40.65 15.51 12.18
C LEU B 158 -39.71 14.45 12.78
N THR B 159 -40.16 13.18 12.75
CA THR B 159 -39.41 12.07 13.36
C THR B 159 -38.24 11.70 12.44
N PRO B 160 -37.00 11.64 12.99
CA PRO B 160 -35.77 11.54 12.20
C PRO B 160 -35.26 10.09 12.05
N VAL B 161 -34.95 9.66 10.81
CA VAL B 161 -34.88 8.23 10.50
C VAL B 161 -33.55 7.84 9.84
N LEU B 162 -33.23 6.54 9.93
CA LEU B 162 -31.88 6.03 9.80
C LEU B 162 -31.74 5.10 8.59
N SER B 163 -30.50 5.01 8.10
CA SER B 163 -30.23 4.27 6.88
C SER B 163 -29.21 3.17 7.14
N HIS B 164 -29.44 2.00 6.50
CA HIS B 164 -28.31 1.18 6.15
C HIS B 164 -26.99 1.96 6.38
N PRO B 165 -25.99 1.29 7.00
CA PRO B 165 -24.68 1.90 7.24
C PRO B 165 -23.74 1.80 6.03
N ILE B 166 -22.96 2.88 5.85
CA ILE B 166 -22.29 3.19 4.58
C ILE B 166 -20.76 3.21 4.75
N PHE B 167 -20.06 2.56 3.82
CA PHE B 167 -18.73 2.03 4.08
C PHE B 167 -17.72 2.45 3.03
N ASP B 168 -16.48 2.26 3.45
CA ASP B 168 -15.33 2.81 2.77
C ASP B 168 -14.55 1.64 2.13
N ASN B 169 -14.15 1.84 0.85
CA ASN B 169 -13.63 0.78 -0.01
C ASN B 169 -12.12 0.78 0.00
N ARG B 170 -11.49 1.97 0.17
CA ARG B 170 -10.05 2.08 0.46
C ARG B 170 -9.76 1.50 1.85
N ALA B 171 -10.78 1.53 2.73
CA ALA B 171 -10.68 1.00 4.08
C ALA B 171 -10.53 -0.52 4.05
N PRO B 172 -9.68 -1.08 4.94
CA PRO B 172 -9.28 -2.49 4.80
C PRO B 172 -10.29 -3.49 5.36
N ASN B 173 -10.88 -3.17 6.51
CA ASN B 173 -11.60 -4.17 7.27
C ASN B 173 -13.07 -4.19 6.87
N THR B 174 -13.44 -3.29 5.94
CA THR B 174 -14.83 -3.18 5.51
C THR B 174 -14.88 -2.98 3.99
N ALA B 175 -13.83 -3.44 3.29
CA ALA B 175 -13.70 -3.28 1.84
C ALA B 175 -14.63 -4.28 1.12
N GLU B 176 -15.10 -3.87 -0.06
CA GLU B 176 -15.85 -4.76 -0.92
C GLU B 176 -14.94 -5.91 -1.34
N LEU B 177 -15.51 -7.13 -1.31
CA LEU B 177 -14.77 -8.37 -1.52
C LEU B 177 -14.90 -8.81 -2.98
N LYS B 178 -13.74 -8.96 -3.66
CA LYS B 178 -13.72 -9.35 -5.06
C LYS B 178 -12.59 -10.35 -5.26
N ILE B 179 -12.80 -11.20 -6.28
CA ILE B 179 -11.87 -12.24 -6.69
C ILE B 179 -11.52 -12.01 -8.17
N CYS B 180 -10.24 -11.82 -8.42
CA CYS B 180 -9.83 -11.21 -9.67
C CYS B 180 -9.35 -12.27 -10.65
N ARG B 181 -8.32 -13.00 -10.24
CA ARG B 181 -7.88 -14.10 -11.09
C ARG B 181 -7.74 -15.38 -10.22
N VAL B 182 -7.26 -16.47 -10.83
CA VAL B 182 -7.20 -17.82 -10.25
C VAL B 182 -6.18 -18.65 -11.03
N ASN B 183 -5.80 -19.81 -10.47
CA ASN B 183 -4.73 -20.59 -11.09
C ASN B 183 -5.29 -21.82 -11.80
N ARG B 184 -6.46 -22.31 -11.33
CA ARG B 184 -7.29 -23.27 -12.08
C ARG B 184 -8.76 -23.01 -11.72
N ASN B 185 -9.66 -23.90 -12.18
CA ASN B 185 -11.07 -23.81 -11.81
C ASN B 185 -11.68 -25.22 -11.73
N SER B 186 -10.81 -26.26 -11.66
CA SER B 186 -11.26 -27.63 -11.40
C SER B 186 -10.09 -28.55 -11.00
N GLY B 187 -10.22 -29.16 -9.81
CA GLY B 187 -9.38 -30.29 -9.42
C GLY B 187 -10.21 -31.50 -8.95
N SER B 188 -9.56 -32.52 -8.34
CA SER B 188 -10.25 -33.73 -7.91
C SER B 188 -10.96 -33.50 -6.57
N CYS B 189 -12.03 -34.28 -6.34
CA CYS B 189 -12.98 -34.01 -5.26
C CYS B 189 -12.42 -34.36 -3.89
N LEU B 190 -11.40 -35.27 -3.98
CA LEU B 190 -10.69 -35.93 -2.89
C LEU B 190 -10.10 -34.87 -1.96
N GLY B 191 -9.94 -33.62 -2.48
CA GLY B 191 -9.32 -32.55 -1.73
C GLY B 191 -7.81 -32.76 -1.62
N GLY B 192 -7.07 -31.67 -1.73
CA GLY B 192 -5.62 -31.76 -1.71
C GLY B 192 -5.08 -30.66 -2.61
N ASP B 193 -5.82 -30.41 -3.69
CA ASP B 193 -5.60 -29.25 -4.57
C ASP B 193 -5.18 -27.98 -3.80
N GLU B 194 -4.17 -27.26 -4.35
CA GLU B 194 -3.63 -26.04 -3.74
C GLU B 194 -3.72 -24.87 -4.74
N ILE B 195 -4.39 -23.77 -4.31
CA ILE B 195 -4.97 -22.83 -5.29
C ILE B 195 -4.51 -21.41 -5.04
N PHE B 196 -4.23 -20.71 -6.16
CA PHE B 196 -3.55 -19.44 -6.19
C PHE B 196 -4.55 -18.42 -6.70
N LEU B 197 -4.73 -17.38 -5.89
CA LEU B 197 -5.89 -16.52 -5.97
C LEU B 197 -5.43 -15.06 -5.80
N LEU B 198 -6.00 -14.16 -6.62
CA LEU B 198 -5.60 -12.77 -6.69
C LEU B 198 -6.83 -11.91 -6.43
N CYS B 199 -6.77 -10.99 -5.47
CA CYS B 199 -8.01 -10.33 -5.08
C CYS B 199 -7.83 -8.84 -4.76
N ASP B 200 -8.98 -8.14 -4.66
CA ASP B 200 -9.05 -6.86 -3.97
C ASP B 200 -8.53 -7.03 -2.54
N LYS B 201 -8.30 -5.89 -1.89
CA LYS B 201 -7.75 -5.84 -0.54
C LYS B 201 -8.52 -6.79 0.37
N VAL B 202 -7.73 -7.58 1.13
CA VAL B 202 -8.22 -8.46 2.18
C VAL B 202 -7.17 -8.56 3.30
N GLN B 203 -7.65 -8.71 4.55
CA GLN B 203 -6.77 -8.90 5.73
C GLN B 203 -6.71 -10.39 6.06
N LYS B 204 -5.45 -10.77 6.31
CA LYS B 204 -5.01 -12.15 6.54
C LYS B 204 -5.71 -12.80 7.75
N GLU B 205 -6.06 -11.96 8.74
CA GLU B 205 -6.59 -12.45 10.03
C GLU B 205 -8.02 -12.97 9.85
N ASP B 206 -8.85 -12.04 9.38
CA ASP B 206 -10.29 -12.27 9.28
C ASP B 206 -10.65 -12.42 7.82
N ILE B 207 -10.88 -13.69 7.42
CA ILE B 207 -10.91 -14.09 6.03
C ILE B 207 -10.89 -15.62 6.00
N GLU B 208 -11.83 -16.21 5.26
CA GLU B 208 -11.78 -17.64 4.93
C GLU B 208 -12.17 -17.80 3.45
N VAL B 209 -12.14 -19.06 3.02
CA VAL B 209 -12.57 -19.48 1.70
C VAL B 209 -13.72 -20.46 1.91
N TYR B 210 -14.83 -20.15 1.26
CA TYR B 210 -16.13 -20.69 1.63
C TYR B 210 -16.78 -21.34 0.42
N PHE B 211 -17.31 -22.54 0.67
CA PHE B 211 -17.88 -23.38 -0.37
C PHE B 211 -19.30 -23.75 0.05
N THR B 212 -20.21 -23.64 -0.92
CA THR B 212 -21.60 -23.96 -0.67
C THR B 212 -22.06 -24.85 -1.82
N GLY B 213 -22.72 -25.95 -1.42
CA GLY B 213 -23.51 -26.80 -2.29
C GLY B 213 -24.95 -26.91 -1.80
N PRO B 214 -25.89 -27.42 -2.65
CA PRO B 214 -27.15 -27.96 -2.15
C PRO B 214 -26.99 -28.50 -0.72
N GLY B 215 -27.09 -27.60 0.28
CA GLY B 215 -26.84 -27.87 1.69
C GLY B 215 -25.47 -28.53 1.92
N TRP B 216 -24.49 -27.78 2.47
CA TRP B 216 -23.13 -28.26 2.64
C TRP B 216 -22.19 -27.07 2.87
N GLU B 217 -21.40 -27.10 3.95
CA GLU B 217 -20.44 -26.05 4.25
C GLU B 217 -19.04 -26.69 4.36
N ALA B 218 -18.09 -26.10 3.62
CA ALA B 218 -16.69 -26.48 3.68
C ALA B 218 -15.78 -25.24 3.77
N ARG B 219 -14.60 -25.40 4.38
CA ARG B 219 -13.62 -24.33 4.49
C ARG B 219 -12.27 -24.91 4.09
N GLY B 220 -11.53 -24.10 3.31
CA GLY B 220 -10.27 -24.54 2.71
C GLY B 220 -9.06 -23.87 3.35
N SER B 221 -7.96 -24.64 3.50
CA SER B 221 -7.07 -24.50 4.65
C SER B 221 -5.72 -23.82 4.33
N PHE B 222 -5.33 -22.87 5.19
CA PHE B 222 -4.22 -21.95 4.97
C PHE B 222 -3.98 -21.15 6.25
N SER B 223 -2.70 -20.80 6.48
CA SER B 223 -2.28 -20.07 7.67
C SER B 223 -2.09 -18.58 7.32
N GLN B 224 -2.12 -17.70 8.33
CA GLN B 224 -2.02 -16.26 8.06
C GLN B 224 -0.65 -15.89 7.46
N ALA B 225 0.20 -16.93 7.32
CA ALA B 225 1.55 -16.87 6.76
C ALA B 225 1.56 -17.62 5.40
N ASP B 226 0.37 -17.79 4.83
CA ASP B 226 0.19 -18.12 3.41
C ASP B 226 -0.35 -16.89 2.67
N VAL B 227 -0.72 -15.81 3.41
CA VAL B 227 -1.31 -14.59 2.86
C VAL B 227 -0.25 -13.53 2.48
N HIS B 228 0.00 -13.34 1.16
CA HIS B 228 1.13 -12.55 0.65
C HIS B 228 0.67 -11.15 0.27
N ARG B 229 0.82 -10.22 1.23
CA ARG B 229 0.68 -8.82 0.92
C ARG B 229 -0.81 -8.48 0.83
N GLN B 230 -1.68 -9.30 1.48
CA GLN B 230 -3.10 -8.96 1.62
C GLN B 230 -3.87 -9.09 0.30
N VAL B 231 -3.15 -9.32 -0.80
CA VAL B 231 -3.82 -9.53 -2.06
C VAL B 231 -3.28 -10.80 -2.70
N ALA B 232 -3.48 -11.96 -2.05
CA ALA B 232 -3.02 -13.27 -2.53
C ALA B 232 -3.18 -14.34 -1.44
N ILE B 233 -3.86 -15.44 -1.81
CA ILE B 233 -4.20 -16.49 -0.85
C ILE B 233 -3.86 -17.82 -1.51
N VAL B 234 -3.20 -18.70 -0.72
CA VAL B 234 -2.82 -20.07 -1.08
C VAL B 234 -3.40 -21.07 -0.06
N PHE B 235 -4.18 -22.06 -0.56
CA PHE B 235 -4.98 -22.93 0.31
C PHE B 235 -5.04 -24.37 -0.21
N ARG B 236 -5.76 -25.19 0.56
CA ARG B 236 -6.01 -26.58 0.24
C ARG B 236 -7.53 -26.79 0.23
N THR B 237 -8.03 -27.48 -0.82
CA THR B 237 -9.48 -27.66 -1.03
C THR B 237 -10.05 -28.75 -0.11
N PRO B 238 -11.11 -28.45 0.71
CA PRO B 238 -11.67 -29.43 1.65
C PRO B 238 -12.39 -30.49 0.81
N PRO B 239 -12.17 -31.80 1.07
CA PRO B 239 -12.90 -32.82 0.32
C PRO B 239 -14.42 -32.55 0.26
N TYR B 240 -15.10 -33.30 -0.60
CA TYR B 240 -16.53 -33.16 -0.80
C TYR B 240 -17.31 -33.91 0.28
N ALA B 241 -18.59 -33.55 0.58
CA ALA B 241 -19.42 -34.34 1.49
C ALA B 241 -19.88 -35.64 0.82
N ASP B 242 -19.04 -36.19 -0.09
CA ASP B 242 -19.25 -37.42 -0.86
C ASP B 242 -17.92 -37.77 -1.55
N PRO B 243 -16.98 -38.42 -0.83
CA PRO B 243 -15.65 -38.65 -1.39
C PRO B 243 -15.63 -39.46 -2.72
N SER B 244 -16.62 -40.38 -2.87
CA SER B 244 -16.69 -41.35 -3.96
C SER B 244 -16.98 -40.66 -5.30
N LEU B 245 -18.01 -39.80 -5.36
CA LEU B 245 -18.34 -39.02 -6.55
C LEU B 245 -18.53 -39.97 -7.73
N GLN B 246 -18.13 -39.51 -8.93
CA GLN B 246 -17.94 -40.30 -10.13
C GLN B 246 -17.97 -39.31 -11.30
N ALA B 247 -19.03 -38.47 -11.37
CA ALA B 247 -19.33 -37.57 -12.49
C ALA B 247 -18.45 -36.31 -12.46
N PRO B 248 -18.78 -35.22 -13.19
CA PRO B 248 -18.43 -33.86 -12.73
C PRO B 248 -19.62 -33.10 -12.11
N VAL B 249 -19.41 -32.50 -10.91
CA VAL B 249 -20.40 -31.59 -10.31
C VAL B 249 -19.74 -30.26 -9.89
N ARG B 250 -20.55 -29.18 -9.89
CA ARG B 250 -20.08 -27.81 -9.84
C ARG B 250 -20.71 -27.08 -8.65
N VAL B 251 -19.89 -26.25 -7.99
CA VAL B 251 -20.27 -25.52 -6.79
C VAL B 251 -19.75 -24.08 -6.86
N SER B 252 -19.63 -23.53 -5.65
CA SER B 252 -19.46 -22.11 -5.42
C SER B 252 -18.32 -21.94 -4.41
N MET B 253 -17.55 -20.89 -4.69
CA MET B 253 -16.33 -20.59 -3.98
C MET B 253 -16.29 -19.08 -3.77
N GLN B 254 -16.19 -18.64 -2.51
CA GLN B 254 -16.31 -17.22 -2.18
C GLN B 254 -15.30 -16.77 -1.14
N LEU B 255 -15.46 -15.51 -0.70
CA LEU B 255 -14.69 -14.98 0.40
C LEU B 255 -15.63 -14.44 1.45
N ARG B 256 -15.52 -14.99 2.66
CA ARG B 256 -16.33 -14.53 3.77
C ARG B 256 -15.46 -13.76 4.77
N ARG B 257 -16.14 -13.14 5.76
CA ARG B 257 -15.45 -12.38 6.79
C ARG B 257 -16.14 -12.70 8.11
N PRO B 258 -15.69 -13.71 8.88
CA PRO B 258 -16.37 -14.11 10.14
C PRO B 258 -17.07 -13.12 11.09
N SER B 259 -16.60 -11.86 11.16
CA SER B 259 -17.24 -10.80 11.94
C SER B 259 -18.60 -10.35 11.35
N ASP B 260 -18.64 -9.85 10.09
CA ASP B 260 -19.83 -9.20 9.56
C ASP B 260 -20.56 -10.14 8.59
N ARG B 261 -19.78 -11.03 7.90
CA ARG B 261 -20.28 -12.16 7.10
C ARG B 261 -20.48 -11.76 5.63
N GLU B 262 -19.76 -10.73 5.13
CA GLU B 262 -20.10 -10.16 3.82
C GLU B 262 -19.35 -11.00 2.79
N LEU B 263 -20.00 -11.22 1.64
CA LEU B 263 -19.64 -12.25 0.70
C LEU B 263 -19.17 -11.61 -0.60
N SER B 264 -18.18 -12.25 -1.24
CA SER B 264 -17.66 -11.68 -2.46
C SER B 264 -18.59 -11.96 -3.65
N GLU B 265 -18.11 -11.69 -4.86
CA GLU B 265 -18.70 -12.31 -6.02
C GLU B 265 -18.56 -13.84 -5.88
N PRO B 266 -19.43 -14.69 -6.46
CA PRO B 266 -19.16 -16.14 -6.56
C PRO B 266 -18.59 -16.61 -7.91
N MET B 267 -17.52 -17.43 -7.87
CA MET B 267 -16.84 -17.98 -9.05
C MET B 267 -16.95 -19.51 -9.10
N GLU B 268 -17.16 -20.10 -10.30
CA GLU B 268 -17.68 -21.47 -10.43
C GLU B 268 -16.56 -22.52 -10.53
N PHE B 269 -16.73 -23.51 -9.64
CA PHE B 269 -15.69 -24.48 -9.38
C PHE B 269 -16.26 -25.88 -9.50
N GLN B 270 -15.46 -26.74 -10.15
CA GLN B 270 -15.88 -28.05 -10.58
C GLN B 270 -14.92 -29.14 -10.08
N TYR B 271 -15.54 -30.29 -9.76
CA TYR B 271 -14.90 -31.38 -9.03
C TYR B 271 -14.94 -32.69 -9.84
N LEU B 272 -13.83 -33.45 -9.80
CA LEU B 272 -13.55 -34.58 -10.71
C LEU B 272 -13.06 -35.85 -9.97
N PRO B 273 -12.94 -37.03 -10.67
CA PRO B 273 -12.20 -38.23 -10.22
C PRO B 273 -10.79 -38.50 -10.82
N ASP B 274 -9.82 -38.88 -9.93
CA ASP B 274 -8.53 -39.55 -10.21
C ASP B 274 -7.44 -38.55 -10.59
#